data_8FY2
#
_entry.id   8FY2
#
_cell.length_a   47.278
_cell.length_b   102.604
_cell.length_c   167.362
_cell.angle_alpha   90.000
_cell.angle_beta   90.000
_cell.angle_gamma   90.000
#
_symmetry.space_group_name_H-M   'P 21 21 21'
#
loop_
_entity.id
_entity.type
_entity.pdbx_description
1 polymer 'von Hippel-Lindau disease tumor suppressor'
2 polymer Elongin-B
3 polymer Elongin-C
4 polymer 'Apoptosis regulator Bcl-2'
5 non-polymer "N-({4-[2-(4-{[(4R)-4'-chloro-4-methyl-6-{[4-(4-{[4-{[(2R)-4-[(1R,4R)-2-oxa-5-azabicyclo[2.2.1]heptan-5-yl]-1-(phenylsulfanyl)butan-2-yl]amino}-3-(trifluoromethanesulfonyl)benzene-1-sulfonyl]carbamoyl}phenyl)piperazin-1-yl]methyl}-2,3,4,5-tetrahydro[1,1'-biphenyl]-4-yl]methyl}piperazin-1-yl)-2-oxoethyl]piperazin-1-yl}acetyl)-3-methyl-L-valyl-(4S)-4-hydroxy-N-{(1S)-1-[4-(4-methyl-1,3-thiazol-5-yl)phenyl]ethyl}-L-prolinamide"
#
loop_
_entity_poly.entity_id
_entity_poly.type
_entity_poly.pdbx_seq_one_letter_code
_entity_poly.pdbx_strand_id
1 'polypeptide(L)'
;MGSSHHHHHHSSGLVPRGSHMEAGRPRPVLRSVNSREPSQVIFCNRSPRVVLPVWLNFDGEPQPYPTLPPGTGRRIHSYR
GHLWLFRDAGTHDGLLVNQTELFVPSLNVDGQPIFANITLPVYTLKERCLQVVRSLVKPENYRRLDIVRSLYEDLEDHPN
VQKDLERLTQERIAHQRMGD
;
A
2 'polypeptide(L)'
;MDVFLMIRRHKTTIFTDAKESSTVFELKRIVEGILKRPPDEQRLYKDDQLLDDGKTLGECGFTSQTARPQAPATVGLAFR
ADDTFEALCIEPFSSPPELPDVMKPQDSGSSANEQAVQ
;
B
3 'polypeptide(L)'
;MYVKLISSDGHEFIVKREHALTSGTIKAMLSGPGQFAENETNEVNFREIPSHVLSKVCMYFTYKVRYTNSSTEIPEFPIA
PEIALELLMAANFLDC
;
C
4 'polypeptide(L)'
;GSMAHAGRTVYDNREIVMKYIHYKLSQRGYEWDAGDVGAAPPGAAPAPGIFSSQPGHTPHPAASRDPVARTSPLQTPAAP
GAAAGPALGPVPPVVHLTLRQAGDDFSRRYRRDFAEMSSQLHLTPFTARGRFATVVEELFRDGVNWGRIVAFFEFGGVMC
VESVNREMSPLVDNIALWMTEYLNRHLHTWIQDNGGWDAFVELYGPSMR
;
D
#
# COMPACT_ATOMS: atom_id res chain seq x y z
N ARG A 27 -16.17 -0.48 19.62
CA ARG A 27 -16.60 -1.86 19.49
C ARG A 27 -15.69 -2.73 18.61
N PRO A 28 -15.31 -2.26 17.40
CA PRO A 28 -14.44 -3.08 16.56
C PRO A 28 -13.07 -3.31 17.19
N VAL A 29 -12.42 -4.37 16.74
CA VAL A 29 -11.10 -4.72 17.27
C VAL A 29 -10.03 -3.80 16.71
N LEU A 30 -9.86 -3.81 15.39
CA LEU A 30 -8.86 -2.98 14.71
C LEU A 30 -9.46 -1.63 14.39
N ARG A 31 -9.11 -0.62 15.19
CA ARG A 31 -9.58 0.74 14.96
C ARG A 31 -8.60 1.69 15.64
N SER A 32 -8.72 2.97 15.30
CA SER A 32 -7.85 3.99 15.85
C SER A 32 -8.46 4.61 17.11
N VAL A 33 -7.62 4.85 18.10
CA VAL A 33 -8.07 5.46 19.34
C VAL A 33 -8.06 6.98 19.18
N ASN A 34 -9.19 7.62 19.49
CA ASN A 34 -9.28 9.07 19.40
C ASN A 34 -8.47 9.72 20.51
N SER A 35 -7.14 9.60 20.44
CA SER A 35 -6.28 10.13 21.49
C SER A 35 -6.02 11.62 21.33
N ARG A 36 -6.09 12.13 20.10
CA ARG A 36 -5.86 13.55 19.80
C ARG A 36 -4.48 14.01 20.26
N GLU A 37 -3.51 13.10 20.27
CA GLU A 37 -2.13 13.42 20.60
C GLU A 37 -1.31 13.44 19.33
N PRO A 38 -0.87 14.62 18.86
CA PRO A 38 -0.19 14.68 17.56
C PRO A 38 1.06 13.83 17.52
N SER A 39 1.33 13.28 16.33
CA SER A 39 2.51 12.44 16.11
C SER A 39 2.98 12.64 14.68
N GLN A 40 4.23 13.06 14.52
CA GLN A 40 4.80 13.33 13.20
C GLN A 40 5.31 12.04 12.59
N VAL A 41 4.88 11.74 11.37
CA VAL A 41 5.22 10.50 10.69
C VAL A 41 5.80 10.81 9.31
N ILE A 42 6.73 9.98 8.88
CA ILE A 42 7.32 10.05 7.54
C ILE A 42 6.89 8.81 6.77
N PHE A 43 6.12 9.01 5.70
CA PHE A 43 5.71 7.92 4.82
C PHE A 43 6.73 7.84 3.69
N CYS A 44 7.69 6.92 3.82
CA CYS A 44 8.74 6.74 2.83
C CYS A 44 8.38 5.55 1.95
N ASN A 45 8.27 5.79 0.64
CA ASN A 45 7.85 4.77 -0.32
C ASN A 45 9.09 4.09 -0.88
N ARG A 46 9.53 3.03 -0.21
CA ARG A 46 10.67 2.22 -0.67
C ARG A 46 10.19 1.01 -1.45
N SER A 47 9.36 1.24 -2.47
CA SER A 47 8.84 0.18 -3.31
C SER A 47 8.59 0.74 -4.69
N PRO A 48 8.67 -0.08 -5.74
CA PRO A 48 8.35 0.40 -7.09
C PRO A 48 6.86 0.64 -7.32
N ARG A 49 6.00 0.32 -6.37
CA ARG A 49 4.57 0.49 -6.51
C ARG A 49 4.14 1.89 -6.09
N VAL A 50 2.99 2.31 -6.59
CA VAL A 50 2.36 3.54 -6.15
C VAL A 50 1.60 3.23 -4.87
N VAL A 51 2.12 3.70 -3.74
CA VAL A 51 1.59 3.31 -2.43
C VAL A 51 0.33 4.10 -2.11
N LEU A 52 -0.71 3.39 -1.70
CA LEU A 52 -1.94 4.01 -1.21
C LEU A 52 -2.01 3.87 0.30
N PRO A 53 -1.84 4.94 1.07
CA PRO A 53 -2.01 4.84 2.52
C PRO A 53 -3.47 4.63 2.88
N VAL A 54 -3.71 3.78 3.87
CA VAL A 54 -5.05 3.42 4.31
C VAL A 54 -5.13 3.61 5.82
N TRP A 55 -5.99 4.53 6.26
CA TRP A 55 -6.20 4.80 7.67
C TRP A 55 -7.50 4.18 8.13
N LEU A 56 -7.46 3.52 9.29
CA LEU A 56 -8.62 2.90 9.90
C LEU A 56 -9.22 3.87 10.92
N ASN A 57 -10.44 4.34 10.65
CA ASN A 57 -11.02 5.38 11.47
C ASN A 57 -11.42 4.82 12.84
N PHE A 58 -12.08 5.67 13.64
CA PHE A 58 -12.47 5.31 14.99
C PHE A 58 -13.57 4.26 15.02
N ASP A 59 -14.12 3.87 13.87
CA ASP A 59 -15.11 2.80 13.77
C ASP A 59 -14.57 1.60 12.99
N GLY A 60 -13.25 1.54 12.80
CA GLY A 60 -12.64 0.43 12.09
C GLY A 60 -12.74 0.49 10.58
N GLU A 61 -13.44 1.48 10.02
CA GLU A 61 -13.60 1.56 8.58
C GLU A 61 -12.33 2.12 7.93
N PRO A 62 -11.88 1.54 6.82
CA PRO A 62 -10.66 2.03 6.17
C PRO A 62 -10.95 3.20 5.25
N GLN A 63 -10.15 4.26 5.37
CA GLN A 63 -10.32 5.46 4.60
C GLN A 63 -9.09 5.71 3.72
N PRO A 64 -9.28 6.03 2.44
CA PRO A 64 -8.13 6.26 1.57
C PRO A 64 -7.54 7.65 1.75
N TYR A 65 -6.24 7.75 1.46
CA TYR A 65 -5.45 8.96 1.61
C TYR A 65 -4.63 9.18 0.35
N PRO A 66 -4.07 10.39 0.17
CA PRO A 66 -3.32 10.66 -1.06
C PRO A 66 -2.20 9.65 -1.30
N THR A 67 -2.04 9.26 -2.55
CA THR A 67 -1.09 8.24 -2.94
C THR A 67 0.33 8.81 -2.99
N LEU A 68 1.30 7.89 -3.09
CA LEU A 68 2.72 8.25 -3.14
C LEU A 68 3.34 7.65 -4.39
N PRO A 69 3.95 8.45 -5.26
CA PRO A 69 4.67 7.89 -6.40
C PRO A 69 5.82 7.01 -5.95
N PRO A 70 6.36 6.16 -6.82
CA PRO A 70 7.46 5.28 -6.41
C PRO A 70 8.70 6.06 -6.03
N GLY A 71 9.29 5.69 -4.89
CA GLY A 71 10.54 6.27 -4.44
C GLY A 71 10.43 7.57 -3.68
N THR A 72 9.22 8.12 -3.51
CA THR A 72 9.06 9.41 -2.87
C THR A 72 8.84 9.25 -1.37
N GLY A 73 8.87 10.37 -0.66
CA GLY A 73 8.56 10.39 0.75
C GLY A 73 7.85 11.67 1.10
N ARG A 74 6.95 11.57 2.09
CA ARG A 74 6.16 12.71 2.54
C ARG A 74 6.05 12.69 4.06
N ARG A 75 5.99 13.89 4.64
CA ARG A 75 5.86 14.06 6.08
C ARG A 75 4.39 14.22 6.43
N ILE A 76 3.93 13.44 7.39
CA ILE A 76 2.49 13.26 7.64
C ILE A 76 2.15 13.69 9.06
N HIS A 77 1.03 14.41 9.19
CA HIS A 77 0.45 14.74 10.48
C HIS A 77 -0.50 13.63 10.89
N SER A 78 -0.14 12.89 11.93
CA SER A 78 -0.99 11.83 12.46
C SER A 78 -1.07 11.97 13.98
N TYR A 79 -1.82 11.07 14.61
CA TYR A 79 -2.01 11.09 16.05
C TYR A 79 -1.65 9.74 16.64
N ARG A 80 -1.27 9.76 17.92
CA ARG A 80 -0.80 8.55 18.57
C ARG A 80 -1.93 7.55 18.76
N GLY A 81 -1.65 6.29 18.45
CA GLY A 81 -2.62 5.23 18.62
C GLY A 81 -3.53 4.98 17.43
N HIS A 82 -3.15 5.42 16.25
CA HIS A 82 -3.94 5.21 15.04
C HIS A 82 -3.37 4.07 14.22
N LEU A 83 -4.20 3.55 13.31
CA LEU A 83 -3.88 2.37 12.53
C LEU A 83 -3.73 2.76 11.07
N TRP A 84 -2.67 2.26 10.43
CA TRP A 84 -2.38 2.57 9.03
C TRP A 84 -2.08 1.31 8.25
N LEU A 85 -2.60 1.24 7.03
CA LEU A 85 -2.29 0.19 6.07
C LEU A 85 -1.68 0.82 4.82
N PHE A 86 -1.08 -0.02 3.99
CA PHE A 86 -0.45 0.47 2.76
C PHE A 86 -0.62 -0.59 1.68
N ARG A 87 -1.21 -0.20 0.56
CA ARG A 87 -1.51 -1.11 -0.54
C ARG A 87 -1.01 -0.50 -1.85
N ASP A 88 -0.98 -1.33 -2.89
CA ASP A 88 -0.76 -0.83 -4.23
C ASP A 88 -2.00 -0.10 -4.71
N ALA A 89 -1.81 1.14 -5.17
CA ALA A 89 -2.95 1.98 -5.54
C ALA A 89 -3.74 1.40 -6.71
N GLY A 90 -3.16 0.47 -7.47
CA GLY A 90 -3.84 -0.07 -8.63
C GLY A 90 -4.42 -1.46 -8.44
N THR A 91 -3.77 -2.26 -7.59
CA THR A 91 -4.19 -3.64 -7.37
C THR A 91 -4.42 -4.01 -5.91
N HIS A 92 -4.22 -3.07 -4.98
CA HIS A 92 -4.40 -3.31 -3.55
C HIS A 92 -3.52 -4.45 -3.04
N ASP A 93 -2.35 -4.63 -3.66
CA ASP A 93 -1.41 -5.62 -3.19
C ASP A 93 -0.85 -5.24 -1.82
N GLY A 94 -0.69 -6.22 -0.94
CA GLY A 94 -0.22 -5.95 0.40
C GLY A 94 1.21 -5.46 0.41
N LEU A 95 1.49 -4.51 1.30
CA LEU A 95 2.81 -3.93 1.45
C LEU A 95 3.21 -3.92 2.92
N LEU A 96 4.51 -4.05 3.16
CA LEU A 96 5.04 -4.07 4.51
C LEU A 96 5.48 -2.66 4.92
N VAL A 97 5.03 -2.22 6.09
CA VAL A 97 5.45 -0.96 6.69
C VAL A 97 6.27 -1.29 7.92
N ASN A 98 7.58 -1.01 7.86
CA ASN A 98 8.52 -1.40 8.90
C ASN A 98 8.49 -2.91 9.14
N GLN A 99 8.43 -3.67 8.06
CA GLN A 99 8.50 -5.14 8.09
C GLN A 99 7.33 -5.75 8.85
N THR A 100 6.14 -5.20 8.65
CA THR A 100 4.90 -5.75 9.20
C THR A 100 3.73 -5.14 8.45
N GLU A 101 2.52 -5.61 8.77
CA GLU A 101 1.31 -5.17 8.08
C GLU A 101 0.73 -3.89 8.68
N LEU A 102 0.74 -3.75 10.00
CA LEU A 102 0.15 -2.59 10.66
C LEU A 102 1.24 -1.59 11.07
N PHE A 103 0.81 -0.34 11.26
CA PHE A 103 1.69 0.72 11.72
C PHE A 103 0.95 1.58 12.72
N VAL A 104 1.54 1.75 13.90
CA VAL A 104 0.97 2.58 14.95
C VAL A 104 1.94 3.70 15.30
N PRO A 105 1.61 4.95 15.01
CA PRO A 105 2.52 6.06 15.35
C PRO A 105 2.60 6.26 16.85
N SER A 106 3.79 6.05 17.41
CA SER A 106 4.03 6.35 18.81
C SER A 106 4.31 7.85 18.96
N LEU A 107 4.55 8.28 20.19
CA LEU A 107 4.84 9.69 20.45
C LEU A 107 6.27 10.02 20.05
N ASN A 108 6.45 11.21 19.47
CA ASN A 108 7.77 11.62 19.03
C ASN A 108 8.68 11.92 20.22
N VAL A 109 9.96 12.12 19.92
CA VAL A 109 10.96 12.43 20.94
C VAL A 109 12.09 13.20 20.26
N ASP A 110 12.54 14.28 20.91
CA ASP A 110 13.63 15.11 20.42
C ASP A 110 13.33 15.71 19.06
N GLY A 111 12.05 15.97 18.78
CA GLY A 111 11.67 16.58 17.52
C GLY A 111 11.91 15.73 16.30
N GLN A 112 11.96 14.40 16.44
CA GLN A 112 12.17 13.52 15.30
C GLN A 112 10.85 12.90 14.88
N PRO A 113 10.52 12.90 13.59
CA PRO A 113 9.31 12.21 13.15
C PRO A 113 9.50 10.70 13.16
N ILE A 114 8.40 10.00 13.45
CA ILE A 114 8.42 8.53 13.42
C ILE A 114 8.44 8.07 11.97
N PHE A 115 9.37 7.19 11.63
CA PHE A 115 9.55 6.73 10.27
C PHE A 115 8.67 5.52 9.99
N ALA A 116 8.04 5.53 8.81
CA ALA A 116 7.18 4.44 8.35
C ALA A 116 7.69 4.02 6.97
N ASN A 117 8.63 3.08 6.95
CA ASN A 117 9.24 2.62 5.70
C ASN A 117 8.30 1.64 5.02
N ILE A 118 7.75 2.04 3.87
CA ILE A 118 6.83 1.21 3.11
C ILE A 118 7.66 0.41 2.12
N THR A 119 7.88 -0.86 2.41
CA THR A 119 8.73 -1.73 1.60
C THR A 119 7.89 -2.83 0.97
N LEU A 120 8.35 -3.30 -0.19
CA LEU A 120 7.70 -4.39 -0.91
C LEU A 120 8.00 -5.73 -0.22
N PRO A 121 6.98 -6.55 -0.02
CA PRO A 121 7.20 -7.86 0.62
C PRO A 121 7.66 -8.90 -0.39
N VAL A 122 8.19 -10.00 0.15
CA VAL A 122 8.58 -11.15 -0.66
C VAL A 122 7.33 -11.96 -0.97
N TYR A 123 6.67 -11.65 -2.08
CA TYR A 123 5.50 -12.41 -2.49
C TYR A 123 5.89 -13.83 -2.85
N THR A 124 4.96 -14.76 -2.64
CA THR A 124 5.13 -16.10 -3.16
C THR A 124 5.15 -16.06 -4.68
N LEU A 125 5.90 -16.98 -5.28
CA LEU A 125 6.01 -17.02 -6.74
C LEU A 125 4.66 -17.12 -7.40
N LYS A 126 3.70 -17.80 -6.76
CA LYS A 126 2.36 -17.91 -7.32
C LYS A 126 1.63 -16.57 -7.29
N GLU A 127 1.63 -15.91 -6.13
CA GLU A 127 0.91 -14.64 -6.01
C GLU A 127 1.50 -13.59 -6.93
N ARG A 128 2.82 -13.58 -7.09
CA ARG A 128 3.44 -12.67 -8.05
C ARG A 128 2.99 -12.98 -9.47
N CYS A 129 2.88 -14.27 -9.80
CA CYS A 129 2.34 -14.65 -11.10
C CYS A 129 0.88 -14.21 -11.24
N LEU A 130 0.10 -14.37 -10.18
CA LEU A 130 -1.28 -13.90 -10.21
C LEU A 130 -1.34 -12.38 -10.41
N GLN A 131 -0.35 -11.65 -9.91
CA GLN A 131 -0.34 -10.19 -10.09
C GLN A 131 -0.11 -9.82 -11.54
N VAL A 132 0.82 -10.51 -12.21
CA VAL A 132 1.13 -10.16 -13.59
C VAL A 132 -0.03 -10.54 -14.52
N VAL A 133 -0.67 -11.68 -14.27
CA VAL A 133 -1.75 -12.13 -15.13
C VAL A 133 -2.97 -11.22 -14.97
N ARG A 134 -3.26 -10.79 -13.74
CA ARG A 134 -4.40 -9.91 -13.52
C ARG A 134 -4.21 -8.58 -14.25
N SER A 135 -2.97 -8.08 -14.30
CA SER A 135 -2.71 -6.79 -14.94
C SER A 135 -2.75 -6.89 -16.47
N LEU A 136 -2.38 -8.04 -17.03
CA LEU A 136 -2.34 -8.22 -18.48
C LEU A 136 -3.70 -8.65 -19.03
N VAL A 137 -4.32 -9.65 -18.41
CA VAL A 137 -5.61 -10.14 -18.86
C VAL A 137 -6.71 -9.33 -18.18
N LYS A 138 -7.70 -8.92 -18.96
CA LYS A 138 -8.84 -8.21 -18.40
C LYS A 138 -9.68 -9.18 -17.55
N PRO A 139 -10.38 -8.67 -16.54
CA PRO A 139 -11.12 -9.57 -15.64
C PRO A 139 -12.15 -10.44 -16.34
N GLU A 140 -12.80 -9.92 -17.39
CA GLU A 140 -13.78 -10.70 -18.13
C GLU A 140 -13.15 -11.71 -19.08
N ASN A 141 -11.82 -11.84 -19.08
CA ASN A 141 -11.13 -12.80 -19.93
C ASN A 141 -10.30 -13.79 -19.14
N TYR A 142 -10.51 -13.90 -17.82
CA TYR A 142 -9.75 -14.85 -17.02
C TYR A 142 -10.09 -16.29 -17.40
N ARG A 143 -11.29 -16.53 -17.91
CA ARG A 143 -11.71 -17.88 -18.26
C ARG A 143 -11.18 -18.33 -19.61
N ARG A 144 -10.90 -17.39 -20.51
CA ARG A 144 -10.37 -17.74 -21.83
C ARG A 144 -8.90 -18.13 -21.79
N LEU A 145 -8.29 -18.19 -20.61
CA LEU A 145 -6.91 -18.63 -20.48
C LEU A 145 -6.86 -20.15 -20.41
N ASP A 146 -5.97 -20.75 -21.19
CA ASP A 146 -5.79 -22.20 -21.19
C ASP A 146 -4.98 -22.61 -19.95
N ILE A 147 -5.66 -22.54 -18.80
CA ILE A 147 -5.07 -22.86 -17.52
C ILE A 147 -5.98 -23.84 -16.79
N VAL A 148 -5.54 -24.27 -15.61
CA VAL A 148 -6.35 -25.16 -14.78
C VAL A 148 -7.57 -24.39 -14.28
N ARG A 149 -8.67 -25.12 -14.06
CA ARG A 149 -9.88 -24.48 -13.56
C ARG A 149 -9.69 -23.92 -12.15
N SER A 150 -8.79 -24.53 -11.38
CA SER A 150 -8.53 -24.02 -10.03
C SER A 150 -7.88 -22.64 -10.07
N LEU A 151 -6.90 -22.45 -10.95
CA LEU A 151 -6.25 -21.15 -11.08
C LEU A 151 -7.20 -20.07 -11.58
N TYR A 152 -8.28 -20.46 -12.26
CA TYR A 152 -9.27 -19.48 -12.72
C TYR A 152 -9.93 -18.78 -11.54
N GLU A 153 -10.15 -19.49 -10.44
CA GLU A 153 -10.75 -18.89 -9.25
C GLU A 153 -9.74 -18.12 -8.42
N ASP A 154 -8.44 -18.33 -8.65
CA ASP A 154 -7.42 -17.55 -7.95
C ASP A 154 -7.22 -16.18 -8.57
N LEU A 155 -7.56 -16.00 -9.84
CA LEU A 155 -7.48 -14.69 -10.47
C LEU A 155 -8.63 -13.80 -10.03
N GLU A 156 -9.82 -14.38 -9.82
CA GLU A 156 -10.99 -13.61 -9.41
C GLU A 156 -10.94 -13.18 -7.95
N ASP A 157 -10.05 -13.75 -7.15
CA ASP A 157 -9.95 -13.41 -5.73
C ASP A 157 -8.88 -12.33 -5.56
N HIS A 158 -9.23 -11.11 -5.96
CA HIS A 158 -8.32 -9.98 -5.87
C HIS A 158 -7.96 -9.71 -4.41
N PRO A 159 -6.74 -9.23 -4.14
CA PRO A 159 -6.40 -8.81 -2.78
C PRO A 159 -7.30 -7.68 -2.31
N ASN A 160 -8.12 -7.97 -1.31
CA ASN A 160 -9.12 -7.02 -0.81
C ASN A 160 -8.76 -6.58 0.60
N VAL A 161 -8.92 -5.28 0.88
CA VAL A 161 -8.54 -4.75 2.18
C VAL A 161 -9.49 -5.27 3.27
N GLN A 162 -10.79 -5.32 2.98
CA GLN A 162 -11.74 -5.83 3.96
C GLN A 162 -11.49 -7.29 4.30
N LYS A 163 -11.00 -8.07 3.33
CA LYS A 163 -10.65 -9.46 3.61
C LYS A 163 -9.44 -9.54 4.52
N ASP A 164 -8.45 -8.67 4.32
CA ASP A 164 -7.26 -8.69 5.17
C ASP A 164 -7.58 -8.21 6.58
N LEU A 165 -8.59 -7.37 6.74
CA LEU A 165 -8.97 -6.90 8.07
C LEU A 165 -9.59 -8.03 8.89
N GLU A 166 -10.41 -8.87 8.25
CA GLU A 166 -11.00 -10.01 8.97
C GLU A 166 -9.95 -11.03 9.36
N ARG A 167 -8.91 -11.19 8.55
CA ARG A 167 -7.85 -12.14 8.87
C ARG A 167 -6.93 -11.58 9.96
N LEU A 168 -6.55 -10.31 9.86
CA LEU A 168 -5.69 -9.71 10.87
C LEU A 168 -6.42 -9.43 12.17
N THR A 169 -7.74 -9.57 12.21
CA THR A 169 -8.49 -9.48 13.46
C THR A 169 -8.53 -10.82 14.20
N GLN A 170 -8.69 -11.93 13.47
CA GLN A 170 -8.71 -13.23 14.11
C GLN A 170 -7.33 -13.60 14.65
N GLU A 171 -6.26 -13.04 14.08
CA GLU A 171 -4.92 -13.31 14.59
C GLU A 171 -4.68 -12.64 15.93
N ARG A 172 -5.34 -11.51 16.18
CA ARG A 172 -5.25 -10.85 17.48
C ARG A 172 -6.08 -11.57 18.54
N ILE A 173 -7.15 -12.25 18.11
CA ILE A 173 -7.97 -13.01 19.06
C ILE A 173 -7.23 -14.26 19.52
N ALA A 174 -6.52 -14.93 18.59
CA ALA A 174 -5.71 -16.08 18.96
C ALA A 174 -4.56 -15.71 19.88
N HIS A 175 -4.13 -14.45 19.87
CA HIS A 175 -3.08 -13.97 20.77
C HIS A 175 -3.59 -13.92 22.20
N MET B 1 29.86 -6.91 -1.14
CA MET B 1 29.27 -6.93 -2.48
C MET B 1 29.21 -8.35 -3.03
N ASP B 2 28.00 -8.89 -3.13
CA ASP B 2 27.79 -10.25 -3.62
C ASP B 2 27.17 -10.22 -5.02
N VAL B 3 27.67 -11.08 -5.89
CA VAL B 3 27.12 -11.26 -7.22
C VAL B 3 26.42 -12.61 -7.29
N PHE B 4 25.37 -12.68 -8.10
CA PHE B 4 24.60 -13.89 -8.30
C PHE B 4 24.77 -14.35 -9.73
N LEU B 5 25.14 -15.62 -9.92
CA LEU B 5 25.64 -16.11 -11.19
C LEU B 5 24.80 -17.26 -11.72
N MET B 6 25.08 -17.62 -12.98
CA MET B 6 24.45 -18.75 -13.67
C MET B 6 25.53 -19.39 -14.55
N ILE B 7 26.35 -20.23 -13.93
CA ILE B 7 27.37 -20.98 -14.67
C ILE B 7 26.67 -22.00 -15.57
N ARG B 8 26.94 -21.93 -16.87
CA ARG B 8 26.21 -22.72 -17.85
C ARG B 8 27.16 -23.44 -18.79
N ARG B 9 26.85 -24.72 -19.05
CA ARG B 9 27.54 -25.50 -20.06
C ARG B 9 26.56 -26.53 -20.62
N HIS B 10 26.37 -26.50 -21.93
CA HIS B 10 25.46 -27.43 -22.64
C HIS B 10 24.06 -27.25 -22.06
N LYS B 11 23.41 -28.30 -21.56
CA LYS B 11 22.09 -28.20 -20.96
C LYS B 11 22.14 -28.19 -19.44
N THR B 12 23.24 -27.71 -18.85
CA THR B 12 23.39 -27.64 -17.42
C THR B 12 23.56 -26.19 -17.00
N THR B 13 22.93 -25.82 -15.87
CA THR B 13 23.00 -24.47 -15.34
C THR B 13 23.17 -24.57 -13.83
N ILE B 14 24.20 -23.91 -13.30
CA ILE B 14 24.48 -23.87 -11.87
C ILE B 14 24.11 -22.51 -11.33
N PHE B 15 23.32 -22.50 -10.25
CA PHE B 15 22.94 -21.26 -9.57
C PHE B 15 23.76 -21.16 -8.28
N THR B 16 24.63 -20.14 -8.23
CA THR B 16 25.45 -19.91 -7.03
C THR B 16 25.74 -18.42 -6.93
N ASP B 17 26.34 -18.04 -5.80
CA ASP B 17 26.66 -16.66 -5.52
C ASP B 17 28.05 -16.55 -4.92
N ALA B 18 28.67 -15.39 -5.08
CA ALA B 18 30.00 -15.13 -4.57
C ALA B 18 30.20 -13.64 -4.44
N LYS B 19 31.32 -13.27 -3.82
CA LYS B 19 31.67 -11.86 -3.64
C LYS B 19 32.43 -11.34 -4.86
N GLU B 20 32.36 -10.03 -5.07
CA GLU B 20 33.11 -9.42 -6.16
C GLU B 20 34.61 -9.53 -5.93
N SER B 21 35.03 -9.64 -4.66
CA SER B 21 36.44 -9.81 -4.34
C SER B 21 36.94 -11.23 -4.56
N SER B 22 36.04 -12.19 -4.73
CA SER B 22 36.45 -13.56 -4.98
C SER B 22 37.01 -13.71 -6.40
N THR B 23 38.09 -14.48 -6.53
CA THR B 23 38.77 -14.63 -7.79
C THR B 23 38.03 -15.65 -8.67
N VAL B 24 38.48 -15.74 -9.93
CA VAL B 24 37.90 -16.69 -10.87
C VAL B 24 38.30 -18.11 -10.51
N PHE B 25 39.54 -18.29 -10.04
CA PHE B 25 39.97 -19.61 -9.62
C PHE B 25 39.15 -20.13 -8.45
N GLU B 26 38.73 -19.22 -7.56
CA GLU B 26 37.85 -19.63 -6.46
C GLU B 26 36.48 -20.04 -6.98
N LEU B 27 35.98 -19.35 -8.01
CA LEU B 27 34.73 -19.76 -8.62
C LEU B 27 34.87 -21.11 -9.33
N LYS B 28 36.05 -21.38 -9.89
CA LYS B 28 36.28 -22.70 -10.49
C LYS B 28 36.25 -23.80 -9.44
N ARG B 29 36.79 -23.53 -8.25
CA ARG B 29 36.74 -24.51 -7.18
C ARG B 29 35.31 -24.76 -6.71
N ILE B 30 34.45 -23.76 -6.83
CA ILE B 30 33.03 -23.97 -6.55
C ILE B 30 32.43 -24.93 -7.57
N VAL B 31 32.79 -24.77 -8.84
CA VAL B 31 32.37 -25.73 -9.86
C VAL B 31 32.98 -27.09 -9.60
N GLU B 32 34.21 -27.11 -9.05
CA GLU B 32 34.87 -28.38 -8.76
C GLU B 32 34.10 -29.17 -7.72
N GLY B 33 33.71 -28.52 -6.62
CA GLY B 33 32.97 -29.21 -5.58
C GLY B 33 31.62 -29.73 -6.02
N ILE B 34 31.07 -29.19 -7.09
CA ILE B 34 29.78 -29.60 -7.63
C ILE B 34 29.93 -30.66 -8.70
N LEU B 35 30.71 -30.38 -9.74
CA LEU B 35 30.81 -31.27 -10.89
C LEU B 35 32.02 -32.20 -10.84
N LYS B 36 32.81 -32.14 -9.77
CA LYS B 36 33.97 -33.03 -9.59
C LYS B 36 34.94 -32.94 -10.76
N ARG B 37 35.22 -31.70 -11.18
CA ARG B 37 36.16 -31.42 -12.26
C ARG B 37 37.19 -30.42 -11.75
N PRO B 38 38.48 -30.71 -11.87
CA PRO B 38 39.48 -29.80 -11.32
C PRO B 38 39.42 -28.45 -12.01
N PRO B 39 39.85 -27.39 -11.33
CA PRO B 39 39.81 -26.05 -11.96
C PRO B 39 40.73 -25.92 -13.16
N ASP B 40 41.82 -26.69 -13.21
CA ASP B 40 42.69 -26.65 -14.39
C ASP B 40 42.00 -27.21 -15.62
N GLU B 41 41.09 -28.16 -15.44
CA GLU B 41 40.29 -28.71 -16.53
C GLU B 41 39.07 -27.86 -16.85
N GLN B 42 39.08 -26.58 -16.48
CA GLN B 42 37.95 -25.69 -16.70
C GLN B 42 38.41 -24.43 -17.41
N ARG B 43 37.54 -23.89 -18.25
CA ARG B 43 37.74 -22.60 -18.90
C ARG B 43 36.46 -21.79 -18.73
N LEU B 44 36.55 -20.72 -17.94
CA LEU B 44 35.41 -19.85 -17.68
C LEU B 44 35.41 -18.67 -18.64
N TYR B 45 34.24 -18.37 -19.21
CA TYR B 45 34.08 -17.27 -20.14
C TYR B 45 33.01 -16.30 -19.62
N LYS B 46 33.18 -15.03 -19.96
CA LYS B 46 32.12 -14.03 -19.83
C LYS B 46 31.78 -13.55 -21.24
N ASP B 47 30.51 -13.69 -21.61
CA ASP B 47 30.06 -13.41 -22.98
C ASP B 47 30.86 -14.25 -23.96
N ASP B 48 31.96 -13.69 -24.48
CA ASP B 48 32.83 -14.40 -25.40
C ASP B 48 34.31 -14.37 -25.01
N GLN B 49 34.70 -13.55 -24.06
CA GLN B 49 36.11 -13.42 -23.68
C GLN B 49 36.44 -14.37 -22.52
N LEU B 50 37.62 -14.97 -22.60
CA LEU B 50 38.05 -15.92 -21.58
C LEU B 50 38.59 -15.18 -20.36
N LEU B 51 38.14 -15.60 -19.19
CA LEU B 51 38.56 -14.98 -17.93
C LEU B 51 39.79 -15.67 -17.38
N ASP B 52 40.70 -14.89 -16.82
CA ASP B 52 41.92 -15.42 -16.22
C ASP B 52 41.68 -15.75 -14.76
N ASP B 53 42.45 -16.73 -14.27
CA ASP B 53 42.30 -17.17 -12.88
C ASP B 53 42.72 -16.11 -11.87
N GLY B 54 43.55 -15.15 -12.28
CA GLY B 54 44.01 -14.13 -11.35
C GLY B 54 43.01 -13.02 -11.10
N LYS B 55 42.21 -12.67 -12.10
CA LYS B 55 41.25 -11.58 -11.96
C LYS B 55 40.13 -11.97 -11.00
N THR B 56 39.54 -10.95 -10.38
CA THR B 56 38.39 -11.15 -9.51
C THR B 56 37.10 -11.05 -10.34
N LEU B 57 35.98 -11.42 -9.72
CA LEU B 57 34.70 -11.36 -10.43
C LEU B 57 34.31 -9.94 -10.78
N GLY B 58 34.73 -8.96 -9.97
CA GLY B 58 34.43 -7.58 -10.28
C GLY B 58 35.24 -7.05 -11.45
N GLU B 59 36.54 -7.40 -11.50
CA GLU B 59 37.39 -6.94 -12.58
C GLU B 59 36.95 -7.46 -13.94
N CYS B 60 36.24 -8.58 -13.98
CA CYS B 60 35.75 -9.14 -15.24
C CYS B 60 34.48 -8.44 -15.71
N GLY B 61 33.71 -7.84 -14.82
CA GLY B 61 32.51 -7.13 -15.22
C GLY B 61 31.26 -7.59 -14.49
N PHE B 62 31.42 -8.32 -13.41
CA PHE B 62 30.30 -8.83 -12.61
C PHE B 62 30.12 -7.93 -11.39
N THR B 63 29.07 -7.12 -11.41
CA THR B 63 28.75 -6.22 -10.31
C THR B 63 27.40 -6.59 -9.72
N SER B 64 27.16 -6.11 -8.50
CA SER B 64 25.90 -6.41 -7.82
C SER B 64 24.69 -5.82 -8.55
N GLN B 65 24.90 -4.78 -9.36
CA GLN B 65 23.80 -4.21 -10.13
C GLN B 65 23.49 -5.02 -11.39
N THR B 66 24.45 -5.81 -11.88
CA THR B 66 24.25 -6.64 -13.06
C THR B 66 24.21 -8.13 -12.74
N ALA B 67 24.18 -8.48 -11.44
CA ALA B 67 24.14 -9.88 -11.02
C ALA B 67 23.26 -9.98 -9.77
N ARG B 68 21.98 -9.65 -9.94
CA ARG B 68 20.98 -9.66 -8.88
C ARG B 68 20.36 -11.05 -8.75
N PRO B 69 19.73 -11.34 -7.60
CA PRO B 69 19.08 -12.66 -7.46
C PRO B 69 17.98 -12.91 -8.47
N GLN B 70 17.15 -11.91 -8.76
CA GLN B 70 16.05 -12.08 -9.70
C GLN B 70 16.51 -12.06 -11.15
N ALA B 71 17.77 -11.77 -11.42
CA ALA B 71 18.32 -11.78 -12.77
C ALA B 71 19.83 -11.97 -12.71
N PRO B 72 20.30 -13.19 -12.47
CA PRO B 72 21.75 -13.40 -12.31
C PRO B 72 22.49 -13.27 -13.63
N ALA B 73 23.81 -13.16 -13.52
CA ALA B 73 24.69 -13.07 -14.67
C ALA B 73 25.12 -14.47 -15.12
N THR B 74 25.36 -14.61 -16.42
CA THR B 74 25.70 -15.89 -17.02
C THR B 74 27.20 -16.01 -17.21
N VAL B 75 27.74 -17.17 -16.85
CA VAL B 75 29.16 -17.48 -17.00
C VAL B 75 29.29 -18.73 -17.84
N GLY B 76 30.15 -18.69 -18.85
CA GLY B 76 30.37 -19.86 -19.69
C GLY B 76 31.36 -20.83 -19.07
N LEU B 77 31.11 -22.12 -19.31
CA LEU B 77 31.94 -23.19 -18.78
C LEU B 77 32.43 -24.07 -19.92
N ALA B 78 33.71 -24.42 -19.88
CA ALA B 78 34.34 -25.26 -20.90
C ALA B 78 35.20 -26.31 -20.23
N PHE B 79 35.00 -27.57 -20.60
CA PHE B 79 35.68 -28.70 -19.98
C PHE B 79 36.79 -29.21 -20.89
N ARG B 80 37.94 -29.54 -20.29
CA ARG B 80 39.05 -30.10 -21.04
C ARG B 80 38.62 -31.37 -21.76
N ALA B 81 38.86 -31.41 -23.08
CA ALA B 81 38.47 -32.53 -23.93
C ALA B 81 39.72 -33.14 -24.53
N ASP B 82 40.13 -34.29 -23.99
CA ASP B 82 41.30 -35.05 -24.46
C ASP B 82 42.53 -34.15 -24.37
N ASP B 83 43.28 -33.92 -25.45
CA ASP B 83 44.52 -33.17 -25.33
C ASP B 83 44.29 -31.67 -25.30
N THR B 84 43.31 -31.17 -26.05
CA THR B 84 43.00 -29.74 -26.08
C THR B 84 41.82 -29.44 -25.16
N PHE B 85 41.16 -28.31 -25.38
CA PHE B 85 40.08 -27.90 -24.50
C PHE B 85 38.72 -27.87 -25.21
N GLU B 86 37.78 -27.10 -24.68
CA GLU B 86 36.41 -27.11 -25.14
C GLU B 86 36.06 -25.79 -25.82
N ALA B 87 35.35 -25.89 -26.94
CA ALA B 87 34.74 -24.72 -27.55
C ALA B 87 33.43 -24.40 -26.83
N LEU B 88 33.26 -23.14 -26.45
CA LEU B 88 32.10 -22.75 -25.66
C LEU B 88 30.80 -23.05 -26.42
N CYS B 89 29.86 -23.70 -25.73
CA CYS B 89 28.58 -24.05 -26.33
C CYS B 89 27.54 -24.10 -25.23
N ILE B 90 26.66 -23.11 -25.20
CA ILE B 90 25.59 -23.03 -24.20
C ILE B 90 24.28 -23.20 -24.94
N GLU B 91 23.62 -24.34 -24.72
CA GLU B 91 22.36 -24.61 -25.40
C GLU B 91 21.25 -23.74 -24.80
N PRO B 92 20.53 -22.98 -25.61
CA PRO B 92 19.54 -22.04 -25.07
C PRO B 92 18.35 -22.76 -24.47
N PHE B 93 17.58 -22.00 -23.69
CA PHE B 93 16.39 -22.52 -23.04
C PHE B 93 15.24 -22.63 -24.04
N SER B 94 14.13 -23.19 -23.58
CA SER B 94 12.96 -23.35 -24.43
C SER B 94 12.35 -21.99 -24.77
N SER B 95 11.51 -21.99 -25.80
CA SER B 95 10.85 -20.77 -26.24
C SER B 95 9.40 -20.79 -25.78
N PRO B 96 8.95 -19.80 -25.02
CA PRO B 96 7.55 -19.78 -24.58
C PRO B 96 6.61 -19.56 -25.75
N PRO B 97 5.35 -19.98 -25.64
CA PRO B 97 4.41 -19.80 -26.75
C PRO B 97 4.09 -18.33 -26.98
N GLU B 98 3.40 -18.08 -28.08
CA GLU B 98 3.02 -16.72 -28.42
C GLU B 98 1.95 -16.21 -27.46
N LEU B 99 1.94 -14.90 -27.25
CA LEU B 99 1.01 -14.27 -26.34
C LEU B 99 -0.43 -14.49 -26.81
N PRO B 100 -1.30 -15.06 -25.99
CA PRO B 100 -2.72 -15.14 -26.37
C PRO B 100 -3.32 -13.76 -26.52
N ASP B 101 -4.34 -13.66 -27.39
CA ASP B 101 -4.95 -12.37 -27.68
C ASP B 101 -5.70 -11.78 -26.50
N VAL B 102 -5.83 -12.51 -25.40
CA VAL B 102 -6.49 -12.00 -24.20
C VAL B 102 -5.44 -11.35 -23.29
N MET B 103 -4.32 -10.95 -23.87
CA MET B 103 -3.25 -10.30 -23.13
C MET B 103 -2.70 -9.04 -23.78
N LYS B 104 -3.05 -8.76 -25.04
CA LYS B 104 -2.47 -7.63 -25.75
C LYS B 104 -3.36 -6.40 -25.56
N PRO B 105 -2.91 -5.36 -24.86
CA PRO B 105 -3.69 -4.13 -24.67
C PRO B 105 -3.83 -3.32 -25.97
N MET C 1 26.06 -28.15 -0.38
CA MET C 1 25.21 -29.25 -0.84
C MET C 1 24.15 -28.75 -1.80
N TYR C 2 24.00 -29.44 -2.93
CA TYR C 2 23.12 -29.01 -4.01
C TYR C 2 22.18 -30.15 -4.40
N VAL C 3 21.18 -29.82 -5.22
CA VAL C 3 20.30 -30.79 -5.84
C VAL C 3 20.24 -30.48 -7.33
N LYS C 4 19.62 -31.39 -8.08
CA LYS C 4 19.51 -31.28 -9.54
C LYS C 4 18.05 -31.32 -9.95
N LEU C 5 17.54 -30.19 -10.43
CA LEU C 5 16.20 -30.12 -11.01
C LEU C 5 16.31 -30.23 -12.52
N ILE C 6 15.59 -31.18 -13.12
CA ILE C 6 15.67 -31.46 -14.54
C ILE C 6 14.34 -31.07 -15.19
N SER C 7 14.41 -30.21 -16.20
CA SER C 7 13.22 -29.73 -16.88
C SER C 7 12.74 -30.75 -17.91
N SER C 8 11.55 -30.48 -18.46
CA SER C 8 10.94 -31.41 -19.41
C SER C 8 11.73 -31.54 -20.71
N ASP C 9 12.60 -30.58 -21.02
CA ASP C 9 13.39 -30.62 -22.25
C ASP C 9 14.84 -31.01 -21.98
N GLY C 10 15.12 -31.63 -20.84
CA GLY C 10 16.43 -32.17 -20.57
C GLY C 10 17.42 -31.24 -19.90
N HIS C 11 17.07 -29.97 -19.71
CA HIS C 11 17.97 -29.05 -19.04
C HIS C 11 18.12 -29.41 -17.57
N GLU C 12 19.36 -29.40 -17.09
CA GLU C 12 19.67 -29.71 -15.70
C GLU C 12 20.02 -28.43 -14.97
N PHE C 13 19.27 -28.13 -13.91
CA PHE C 13 19.51 -26.96 -13.08
C PHE C 13 20.03 -27.42 -11.72
N ILE C 14 21.18 -26.89 -11.32
CA ILE C 14 21.79 -27.21 -10.04
C ILE C 14 21.64 -25.99 -9.14
N VAL C 15 20.84 -26.13 -8.08
CA VAL C 15 20.66 -25.08 -7.10
C VAL C 15 21.04 -25.62 -5.73
N LYS C 16 21.31 -24.71 -4.80
CA LYS C 16 21.61 -25.11 -3.43
C LYS C 16 20.41 -25.79 -2.81
N ARG C 17 20.67 -26.88 -2.08
CA ARG C 17 19.59 -27.66 -1.48
C ARG C 17 18.74 -26.80 -0.55
N GLU C 18 19.36 -25.85 0.15
CA GLU C 18 18.60 -24.96 1.02
C GLU C 18 17.60 -24.13 0.21
N HIS C 19 18.01 -23.67 -0.97
CA HIS C 19 17.12 -22.86 -1.79
C HIS C 19 16.01 -23.68 -2.41
N ALA C 20 16.29 -24.94 -2.76
CA ALA C 20 15.28 -25.78 -3.40
C ALA C 20 14.17 -26.16 -2.43
N LEU C 21 14.46 -26.23 -1.13
CA LEU C 21 13.44 -26.56 -0.14
C LEU C 21 12.42 -25.44 0.04
N THR C 22 12.60 -24.30 -0.61
CA THR C 22 11.56 -23.27 -0.63
C THR C 22 10.24 -23.82 -1.16
N SER C 23 10.32 -24.76 -2.10
CA SER C 23 9.15 -25.46 -2.60
C SER C 23 8.93 -26.71 -1.74
N GLY C 24 7.80 -26.76 -1.05
CA GLY C 24 7.49 -27.92 -0.22
C GLY C 24 7.32 -29.20 -1.02
N THR C 25 6.88 -29.06 -2.28
CA THR C 25 6.75 -30.24 -3.13
C THR C 25 8.12 -30.82 -3.48
N ILE C 26 9.12 -29.95 -3.68
CA ILE C 26 10.47 -30.43 -3.94
C ILE C 26 11.05 -31.12 -2.71
N LYS C 27 10.67 -30.67 -1.52
CA LYS C 27 11.19 -31.29 -0.30
C LYS C 27 10.65 -32.70 -0.11
N ALA C 28 9.40 -32.96 -0.50
CA ALA C 28 8.84 -34.30 -0.39
C ALA C 28 9.53 -35.29 -1.34
N MET C 29 9.93 -34.82 -2.52
CA MET C 29 10.60 -35.67 -3.49
C MET C 29 12.02 -36.02 -3.09
N LEU C 30 12.52 -35.49 -1.97
CA LEU C 30 13.86 -35.79 -1.51
C LEU C 30 13.82 -36.54 -0.17
N ASN C 42 20.73 -35.58 -4.47
CA ASN C 42 19.67 -36.25 -5.20
C ASN C 42 19.24 -35.46 -6.43
N GLU C 43 18.26 -35.99 -7.17
CA GLU C 43 17.78 -35.36 -8.38
C GLU C 43 16.26 -35.42 -8.43
N VAL C 44 15.67 -34.50 -9.20
CA VAL C 44 14.24 -34.45 -9.41
C VAL C 44 13.97 -34.16 -10.89
N ASN C 45 13.02 -34.87 -11.47
CA ASN C 45 12.64 -34.70 -12.87
C ASN C 45 11.23 -34.12 -12.94
N PHE C 46 11.11 -32.96 -13.59
CA PHE C 46 9.81 -32.31 -13.82
C PHE C 46 9.46 -32.50 -15.29
N ARG C 47 8.58 -33.47 -15.56
CA ARG C 47 8.21 -33.83 -16.92
C ARG C 47 7.31 -32.79 -17.59
N GLU C 48 6.87 -31.76 -16.87
CA GLU C 48 5.91 -30.81 -17.42
C GLU C 48 6.35 -29.36 -17.24
N ILE C 49 7.57 -29.12 -16.76
CA ILE C 49 8.07 -27.76 -16.59
C ILE C 49 9.25 -27.55 -17.54
N PRO C 50 9.07 -26.79 -18.61
CA PRO C 50 10.17 -26.59 -19.57
C PRO C 50 11.31 -25.79 -18.96
N SER C 51 12.40 -25.69 -19.72
CA SER C 51 13.61 -25.05 -19.21
C SER C 51 13.39 -23.57 -18.95
N HIS C 52 12.73 -22.87 -19.86
CA HIS C 52 12.54 -21.43 -19.69
C HIS C 52 11.67 -21.10 -18.49
N VAL C 53 10.83 -22.04 -18.04
CA VAL C 53 10.04 -21.83 -16.83
C VAL C 53 10.80 -22.27 -15.59
N LEU C 54 11.49 -23.40 -15.66
CA LEU C 54 12.21 -23.91 -14.49
C LEU C 54 13.40 -23.02 -14.15
N SER C 55 14.03 -22.40 -15.16
CA SER C 55 15.11 -21.46 -14.88
C SER C 55 14.60 -20.26 -14.10
N LYS C 56 13.37 -19.81 -14.39
CA LYS C 56 12.79 -18.70 -13.66
C LYS C 56 12.47 -19.10 -12.23
N VAL C 57 12.02 -20.34 -12.02
CA VAL C 57 11.71 -20.81 -10.67
C VAL C 57 12.98 -20.83 -9.82
N CYS C 58 14.10 -21.24 -10.41
CA CYS C 58 15.36 -21.23 -9.67
C CYS C 58 15.78 -19.80 -9.33
N MET C 59 15.49 -18.86 -10.23
CA MET C 59 15.79 -17.45 -9.95
C MET C 59 14.95 -16.92 -8.81
N TYR C 60 13.72 -17.44 -8.64
CA TYR C 60 12.92 -17.05 -7.49
C TYR C 60 13.47 -17.64 -6.19
N PHE C 61 14.03 -18.85 -6.26
CA PHE C 61 14.60 -19.47 -5.07
C PHE C 61 15.73 -18.61 -4.51
N THR C 62 16.69 -18.23 -5.36
CA THR C 62 17.76 -17.34 -4.93
C THR C 62 17.21 -15.97 -4.53
N TYR C 63 16.08 -15.56 -5.13
CA TYR C 63 15.46 -14.29 -4.76
C TYR C 63 14.80 -14.37 -3.40
N LYS C 64 14.06 -15.46 -3.14
CA LYS C 64 13.35 -15.60 -1.88
C LYS C 64 14.33 -15.71 -0.71
N VAL C 65 15.36 -16.55 -0.85
CA VAL C 65 16.27 -16.80 0.26
C VAL C 65 17.04 -15.54 0.63
N ARG C 66 17.38 -14.71 -0.35
CA ARG C 66 18.18 -13.52 -0.08
C ARG C 66 17.36 -12.43 0.61
N TYR C 67 16.11 -12.24 0.21
CA TYR C 67 15.34 -11.07 0.61
C TYR C 67 14.34 -11.33 1.75
N THR C 68 14.06 -12.59 2.08
CA THR C 68 13.17 -12.85 3.20
C THR C 68 13.86 -12.55 4.53
N ASN C 69 13.11 -11.95 5.45
CA ASN C 69 13.62 -11.59 6.78
C ASN C 69 14.82 -10.66 6.66
N SER C 70 14.73 -9.68 5.77
CA SER C 70 15.80 -8.71 5.58
C SER C 70 15.19 -7.32 5.46
N SER C 71 15.75 -6.36 6.18
CA SER C 71 15.32 -4.97 6.09
C SER C 71 15.81 -4.28 4.83
N THR C 72 16.50 -4.99 3.95
CA THR C 72 16.93 -4.41 2.68
C THR C 72 15.72 -4.06 1.82
N GLU C 73 15.83 -2.98 1.06
CA GLU C 73 14.78 -2.63 0.11
C GLU C 73 14.64 -3.74 -0.91
N ILE C 74 13.44 -4.32 -1.00
CA ILE C 74 13.20 -5.49 -1.82
C ILE C 74 12.76 -5.06 -3.22
N PRO C 75 13.44 -5.53 -4.26
CA PRO C 75 13.03 -5.16 -5.62
C PRO C 75 11.89 -6.05 -6.12
N GLU C 76 11.20 -5.53 -7.12
CA GLU C 76 10.12 -6.28 -7.74
C GLU C 76 10.68 -7.49 -8.48
N PHE C 77 10.06 -8.65 -8.30
CA PHE C 77 10.48 -9.84 -9.02
C PHE C 77 9.86 -9.82 -10.42
N PRO C 78 10.67 -9.67 -11.47
CA PRO C 78 10.11 -9.52 -12.81
C PRO C 78 9.59 -10.83 -13.37
N ILE C 79 8.52 -10.72 -14.15
CA ILE C 79 7.91 -11.86 -14.83
C ILE C 79 7.47 -11.39 -16.22
N ALA C 80 8.04 -11.99 -17.26
CA ALA C 80 7.69 -11.60 -18.61
C ALA C 80 6.24 -12.00 -18.92
N PRO C 81 5.57 -11.24 -19.79
CA PRO C 81 4.18 -11.59 -20.13
C PRO C 81 4.05 -12.95 -20.79
N GLU C 82 5.02 -13.33 -21.63
CA GLU C 82 4.95 -14.60 -22.36
C GLU C 82 5.21 -15.80 -21.48
N ILE C 83 5.66 -15.61 -20.24
CA ILE C 83 6.01 -16.69 -19.33
C ILE C 83 5.07 -16.77 -18.15
N ALA C 84 4.10 -15.86 -18.03
CA ALA C 84 3.30 -15.76 -16.81
C ALA C 84 2.44 -17.00 -16.61
N LEU C 85 1.66 -17.38 -17.64
CA LEU C 85 0.74 -18.51 -17.49
C LEU C 85 1.47 -19.79 -17.12
N GLU C 86 2.62 -20.04 -17.76
CA GLU C 86 3.37 -21.25 -17.46
C GLU C 86 4.03 -21.18 -16.09
N LEU C 87 4.56 -20.01 -15.73
CA LEU C 87 5.17 -19.87 -14.41
C LEU C 87 4.13 -19.94 -13.30
N LEU C 88 2.89 -19.52 -13.59
CA LEU C 88 1.82 -19.64 -12.59
C LEU C 88 1.47 -21.09 -12.33
N MET C 89 1.32 -21.88 -13.40
CA MET C 89 1.01 -23.30 -13.23
C MET C 89 2.17 -24.04 -12.57
N ALA C 90 3.40 -23.64 -12.89
CA ALA C 90 4.57 -24.26 -12.27
C ALA C 90 4.65 -23.92 -10.79
N ALA C 91 4.28 -22.69 -10.43
CA ALA C 91 4.30 -22.30 -9.02
C ALA C 91 3.17 -22.94 -8.23
N ASN C 92 2.01 -23.14 -8.86
CA ASN C 92 0.88 -23.76 -8.16
C ASN C 92 1.16 -25.21 -7.83
N PHE C 93 1.91 -25.91 -8.68
CA PHE C 93 2.30 -27.28 -8.39
C PHE C 93 3.39 -27.36 -7.34
N LEU C 94 4.38 -26.47 -7.43
CA LEU C 94 5.51 -26.50 -6.52
C LEU C 94 5.18 -25.95 -5.14
N ASP C 95 4.10 -25.18 -5.01
CA ASP C 95 3.69 -24.54 -3.76
C ASP C 95 4.82 -23.66 -3.22
N CYS C 96 4.98 -22.51 -3.87
CA CYS C 96 6.00 -21.55 -3.49
C CYS C 96 5.66 -20.17 -4.05
N VAL D 10 -36.09 38.34 1.55
CA VAL D 10 -37.27 39.15 1.78
C VAL D 10 -37.80 38.84 3.19
N TYR D 11 -37.15 37.91 3.88
CA TYR D 11 -37.54 37.56 5.23
C TYR D 11 -36.69 38.29 6.26
N ASP D 12 -37.29 38.58 7.42
CA ASP D 12 -36.59 39.24 8.51
C ASP D 12 -35.59 38.26 9.12
N ASN D 13 -34.30 38.53 8.92
CA ASN D 13 -33.27 37.63 9.43
C ASN D 13 -33.16 37.68 10.96
N ARG D 14 -33.69 38.71 11.60
CA ARG D 14 -33.59 38.80 13.05
C ARG D 14 -34.47 37.76 13.74
N GLU D 15 -35.71 37.62 13.26
CA GLU D 15 -36.61 36.63 13.85
C GLU D 15 -36.07 35.21 13.67
N ILE D 16 -35.42 34.94 12.54
CA ILE D 16 -34.94 33.58 12.26
C ILE D 16 -33.87 33.16 13.26
N VAL D 17 -32.98 34.09 13.62
CA VAL D 17 -31.93 33.75 14.59
C VAL D 17 -32.47 33.81 16.02
N MET D 18 -33.45 34.69 16.29
CA MET D 18 -34.04 34.73 17.63
C MET D 18 -34.77 33.44 17.95
N LYS D 19 -35.63 32.97 17.02
CA LYS D 19 -36.38 31.75 17.24
C LYS D 19 -35.50 30.51 17.25
N TYR D 20 -34.30 30.59 16.67
CA TYR D 20 -33.42 29.43 16.61
C TYR D 20 -32.63 29.25 17.90
N ILE D 21 -32.01 30.32 18.38
CA ILE D 21 -31.28 30.25 19.65
C ILE D 21 -32.24 29.96 20.80
N HIS D 22 -33.49 30.39 20.67
CA HIS D 22 -34.48 30.07 21.69
C HIS D 22 -34.75 28.58 21.75
N TYR D 23 -34.70 27.90 20.61
CA TYR D 23 -34.90 26.46 20.58
C TYR D 23 -33.66 25.70 21.02
N LYS D 24 -32.47 26.23 20.72
CA LYS D 24 -31.23 25.56 21.13
C LYS D 24 -31.04 25.67 22.64
N LEU D 25 -31.41 26.80 23.23
CA LEU D 25 -31.38 26.93 24.68
C LEU D 25 -32.53 26.19 25.35
N SER D 26 -33.62 25.92 24.62
CA SER D 26 -34.72 25.15 25.19
C SER D 26 -34.40 23.67 25.25
N GLN D 27 -33.63 23.14 24.29
CA GLN D 27 -33.22 21.75 24.34
C GLN D 27 -32.33 21.48 25.54
N ARG D 28 -31.62 22.50 26.02
CA ARG D 28 -30.83 22.39 27.25
C ARG D 28 -31.58 22.90 28.46
N GLY D 29 -32.80 23.41 28.29
CA GLY D 29 -33.61 23.86 29.40
C GLY D 29 -33.10 25.09 30.11
N TYR D 30 -32.77 26.14 29.34
CA TYR D 30 -32.29 27.40 29.90
C TYR D 30 -33.26 28.56 29.73
N GLU D 31 -34.10 28.53 28.69
CA GLU D 31 -35.05 29.59 28.37
C GLU D 31 -34.33 30.91 28.06
N TRP D 32 -35.08 31.90 27.57
CA TRP D 32 -34.49 33.14 27.08
C TRP D 32 -35.62 34.15 26.92
N ASP D 33 -35.26 35.34 26.44
CA ASP D 33 -36.24 36.40 26.22
C ASP D 33 -37.20 36.04 25.10
N GLY D 89 -41.46 42.61 5.19
CA GLY D 89 -40.76 41.34 5.26
C GLY D 89 -41.35 40.37 6.26
N PRO D 90 -42.31 39.56 5.82
CA PRO D 90 -42.94 38.59 6.72
C PRO D 90 -42.02 37.41 6.99
N VAL D 91 -42.43 36.58 7.93
CA VAL D 91 -41.69 35.37 8.28
C VAL D 91 -42.68 34.21 8.42
N PRO D 92 -42.63 33.22 7.53
CA PRO D 92 -43.54 32.08 7.64
C PRO D 92 -43.08 31.11 8.71
N PRO D 93 -43.99 30.31 9.27
CA PRO D 93 -43.57 29.32 10.28
C PRO D 93 -42.85 28.12 9.71
N VAL D 94 -42.87 27.94 8.39
CA VAL D 94 -42.25 26.75 7.79
C VAL D 94 -40.73 26.87 7.78
N VAL D 95 -40.19 28.08 7.63
CA VAL D 95 -38.74 28.25 7.61
C VAL D 95 -38.14 27.93 8.96
N HIS D 96 -38.90 28.13 10.04
CA HIS D 96 -38.40 27.82 11.38
C HIS D 96 -38.39 26.32 11.63
N LEU D 97 -39.45 25.62 11.22
CA LEU D 97 -39.50 24.17 11.44
C LEU D 97 -38.41 23.44 10.65
N THR D 98 -38.07 23.94 9.47
CA THR D 98 -37.03 23.30 8.67
C THR D 98 -35.64 23.56 9.25
N LEU D 99 -35.42 24.77 9.77
CA LEU D 99 -34.10 25.12 10.29
C LEU D 99 -33.79 24.34 11.56
N ARG D 100 -34.81 24.08 12.40
CA ARG D 100 -34.57 23.28 13.60
C ARG D 100 -34.28 21.83 13.25
N GLN D 101 -35.02 21.27 12.28
CA GLN D 101 -34.81 19.87 11.90
C GLN D 101 -33.47 19.68 11.22
N ALA D 102 -33.04 20.66 10.42
CA ALA D 102 -31.75 20.55 9.73
C ALA D 102 -30.59 20.68 10.71
N GLY D 103 -30.71 21.58 11.68
CA GLY D 103 -29.65 21.73 12.67
C GLY D 103 -29.51 20.51 13.56
N ASP D 104 -30.64 19.88 13.90
CA ASP D 104 -30.59 18.64 14.68
C ASP D 104 -30.04 17.50 13.84
N ASP D 105 -30.41 17.44 12.56
CA ASP D 105 -29.86 16.41 11.67
C ASP D 105 -28.36 16.62 11.47
N PHE D 106 -27.93 17.87 11.31
CA PHE D 106 -26.51 18.17 11.17
C PHE D 106 -25.74 17.74 12.42
N SER D 107 -26.28 18.02 13.61
CA SER D 107 -25.59 17.67 14.84
C SER D 107 -25.46 16.16 14.99
N ARG D 108 -26.47 15.41 14.58
CA ARG D 108 -26.40 13.95 14.71
C ARG D 108 -25.37 13.36 13.76
N ARG D 109 -25.26 13.90 12.55
CA ARG D 109 -24.31 13.35 11.58
C ARG D 109 -22.87 13.67 11.95
N TYR D 110 -22.65 14.78 12.66
CA TYR D 110 -21.29 15.17 13.01
C TYR D 110 -21.16 15.36 14.52
N ARG D 111 -21.61 14.35 15.28
CA ARG D 111 -21.50 14.40 16.74
C ARG D 111 -20.05 14.47 17.20
N ARG D 112 -19.13 13.89 16.42
CA ARG D 112 -17.72 13.96 16.79
C ARG D 112 -17.18 15.38 16.67
N ASP D 113 -17.78 16.19 15.81
CA ASP D 113 -17.43 17.59 15.68
C ASP D 113 -18.20 18.48 16.64
N PHE D 114 -19.45 18.13 16.94
CA PHE D 114 -20.23 18.90 17.90
C PHE D 114 -19.58 18.88 19.27
N ALA D 115 -19.11 17.70 19.71
CA ALA D 115 -18.38 17.62 20.97
C ALA D 115 -17.00 18.24 20.85
N GLU D 116 -16.44 18.27 19.63
CA GLU D 116 -15.13 18.88 19.42
C GLU D 116 -15.17 20.38 19.67
N MET D 117 -16.13 21.08 19.05
CA MET D 117 -16.23 22.52 19.22
C MET D 117 -16.67 22.89 20.64
N SER D 118 -17.49 22.06 21.27
CA SER D 118 -17.95 22.35 22.62
C SER D 118 -16.82 22.24 23.65
N SER D 119 -15.77 21.49 23.33
CA SER D 119 -14.64 21.32 24.25
C SER D 119 -13.53 22.33 23.96
N GLN D 120 -13.11 22.43 22.70
CA GLN D 120 -12.03 23.33 22.30
C GLN D 120 -12.45 24.79 22.31
N LEU D 121 -13.69 25.11 22.69
CA LEU D 121 -14.17 26.48 22.62
C LEU D 121 -13.42 27.39 23.61
N HIS D 122 -13.57 27.11 24.91
CA HIS D 122 -13.00 27.95 25.96
C HIS D 122 -13.42 29.40 25.80
N LEU D 123 -14.60 29.74 26.30
CA LEU D 123 -15.23 31.02 26.04
C LEU D 123 -14.95 31.99 27.18
N THR D 124 -14.49 33.19 26.81
CA THR D 124 -14.25 34.30 27.72
C THR D 124 -14.86 35.55 27.12
N PRO D 125 -15.11 36.59 27.92
CA PRO D 125 -15.82 37.77 27.40
C PRO D 125 -15.09 38.48 26.27
N PHE D 126 -13.79 38.26 26.09
CA PHE D 126 -13.04 38.88 25.02
C PHE D 126 -12.78 37.94 23.85
N THR D 127 -12.46 36.67 24.12
CA THR D 127 -12.29 35.72 23.03
C THR D 127 -13.60 35.36 22.36
N ALA D 128 -14.74 35.67 22.99
CA ALA D 128 -16.03 35.40 22.37
C ALA D 128 -16.16 36.10 21.04
N ARG D 129 -15.74 37.37 20.96
CA ARG D 129 -15.69 38.06 19.68
C ARG D 129 -14.57 37.55 18.81
N GLY D 130 -13.47 37.07 19.43
CA GLY D 130 -12.40 36.49 18.65
C GLY D 130 -12.74 35.12 18.11
N ARG D 131 -13.46 34.31 18.89
CA ARG D 131 -13.85 32.99 18.43
C ARG D 131 -14.88 33.05 17.32
N PHE D 132 -15.89 33.92 17.48
CA PHE D 132 -16.95 34.02 16.48
C PHE D 132 -16.39 34.52 15.15
N ALA D 133 -15.60 35.59 15.17
CA ALA D 133 -15.11 36.18 13.93
C ALA D 133 -14.13 35.25 13.22
N THR D 134 -13.42 34.39 13.96
CA THR D 134 -12.45 33.51 13.33
C THR D 134 -13.07 32.23 12.81
N VAL D 135 -14.01 31.65 13.57
CA VAL D 135 -14.63 30.39 13.14
C VAL D 135 -15.56 30.62 11.96
N VAL D 136 -16.42 31.64 12.04
CA VAL D 136 -17.35 31.92 10.96
C VAL D 136 -16.60 32.31 9.69
N GLU D 137 -15.44 32.94 9.83
CA GLU D 137 -14.62 33.26 8.65
C GLU D 137 -14.07 31.99 8.02
N GLU D 138 -13.51 31.09 8.83
CA GLU D 138 -12.99 29.83 8.31
C GLU D 138 -14.10 28.91 7.81
N LEU D 139 -15.34 29.12 8.26
CA LEU D 139 -16.42 28.24 7.85
C LEU D 139 -16.88 28.55 6.43
N PHE D 140 -16.94 29.84 6.07
CA PHE D 140 -17.35 30.26 4.74
C PHE D 140 -16.19 30.64 3.84
N ARG D 141 -14.96 30.28 4.20
CA ARG D 141 -13.80 30.73 3.44
C ARG D 141 -13.78 30.13 2.04
N ASP D 142 -14.22 28.88 1.90
CA ASP D 142 -14.31 28.28 0.58
C ASP D 142 -15.49 28.85 -0.20
N GLY D 143 -16.63 29.02 0.44
CA GLY D 143 -17.80 29.54 -0.23
C GLY D 143 -18.98 29.54 0.71
N VAL D 144 -20.17 29.70 0.13
CA VAL D 144 -21.42 29.76 0.89
C VAL D 144 -22.39 28.77 0.25
N ASN D 145 -22.73 27.72 0.99
CA ASN D 145 -23.79 26.79 0.61
C ASN D 145 -24.74 26.62 1.79
N TRP D 146 -25.91 26.04 1.51
CA TRP D 146 -26.91 25.87 2.55
C TRP D 146 -26.43 24.96 3.67
N GLY D 147 -25.58 23.98 3.35
CA GLY D 147 -25.05 23.11 4.39
C GLY D 147 -24.14 23.84 5.35
N ARG D 148 -23.42 24.85 4.88
CA ARG D 148 -22.57 25.63 5.77
C ARG D 148 -23.36 26.65 6.57
N ILE D 149 -24.50 27.10 6.05
CA ILE D 149 -25.36 27.99 6.82
C ILE D 149 -25.98 27.24 8.00
N VAL D 150 -26.35 25.98 7.78
CA VAL D 150 -26.83 25.15 8.89
C VAL D 150 -25.73 24.96 9.92
N ALA D 151 -24.50 24.72 9.46
CA ALA D 151 -23.37 24.65 10.39
C ALA D 151 -23.10 25.99 11.04
N PHE D 152 -23.36 27.09 10.33
CA PHE D 152 -23.21 28.42 10.92
C PHE D 152 -24.23 28.62 12.04
N PHE D 153 -25.50 28.28 11.78
CA PHE D 153 -26.52 28.39 12.81
C PHE D 153 -26.22 27.48 13.99
N GLU D 154 -25.80 26.24 13.73
CA GLU D 154 -25.51 25.31 14.80
C GLU D 154 -24.31 25.76 15.64
N PHE D 155 -23.32 26.42 15.00
CA PHE D 155 -22.21 26.97 15.77
C PHE D 155 -22.66 28.08 16.69
N GLY D 156 -23.67 28.85 16.28
CA GLY D 156 -24.21 29.88 17.17
C GLY D 156 -24.84 29.28 18.41
N GLY D 157 -25.55 28.17 18.25
CA GLY D 157 -26.13 27.49 19.40
C GLY D 157 -25.08 26.89 20.32
N VAL D 158 -23.95 26.45 19.75
CA VAL D 158 -22.88 25.89 20.57
C VAL D 158 -22.28 26.96 21.47
N MET D 159 -21.99 28.14 20.91
CA MET D 159 -21.38 29.20 21.69
C MET D 159 -22.36 29.86 22.65
N CYS D 160 -23.67 29.71 22.42
CA CYS D 160 -24.65 30.21 23.38
C CYS D 160 -24.83 29.26 24.56
N VAL D 161 -24.90 27.96 24.28
CA VAL D 161 -25.03 26.98 25.37
C VAL D 161 -23.77 26.94 26.20
N GLU D 162 -22.60 26.97 25.56
CA GLU D 162 -21.34 26.96 26.29
C GLU D 162 -21.16 28.24 27.10
N SER D 163 -21.78 29.35 26.67
CA SER D 163 -21.70 30.58 27.44
C SER D 163 -22.50 30.49 28.72
N VAL D 164 -23.71 29.90 28.65
CA VAL D 164 -24.54 29.79 29.84
C VAL D 164 -24.09 28.64 30.74
N ASN D 165 -23.32 27.69 30.21
CA ASN D 165 -22.73 26.66 31.07
C ASN D 165 -21.74 27.29 32.04
N ARG D 166 -20.82 28.10 31.53
CA ARG D 166 -19.89 28.86 32.35
C ARG D 166 -20.53 30.09 32.97
N GLU D 167 -21.86 30.18 32.94
CA GLU D 167 -22.62 31.25 33.59
C GLU D 167 -22.27 32.62 33.02
N MET D 168 -22.05 32.67 31.70
CA MET D 168 -21.89 33.92 30.98
C MET D 168 -23.12 34.17 30.12
N SER D 169 -24.29 34.18 30.76
CA SER D 169 -25.54 34.30 30.01
C SER D 169 -25.68 35.57 29.18
N PRO D 170 -25.18 36.75 29.58
CA PRO D 170 -25.33 37.93 28.72
C PRO D 170 -24.70 37.80 27.34
N LEU D 171 -23.84 36.80 27.11
CA LEU D 171 -23.24 36.63 25.79
C LEU D 171 -24.25 36.17 24.74
N VAL D 172 -25.38 35.60 25.16
CA VAL D 172 -26.38 35.16 24.21
C VAL D 172 -26.91 36.33 23.39
N ASP D 173 -27.05 37.50 24.02
CA ASP D 173 -27.49 38.68 23.30
C ASP D 173 -26.42 39.19 22.34
N ASN D 174 -25.14 39.06 22.72
CA ASN D 174 -24.08 39.48 21.83
C ASN D 174 -23.92 38.52 20.65
N ILE D 175 -24.07 37.21 20.90
CA ILE D 175 -23.95 36.23 19.83
C ILE D 175 -25.11 36.39 18.85
N ALA D 176 -26.33 36.56 19.36
CA ALA D 176 -27.48 36.76 18.49
C ALA D 176 -27.32 38.02 17.65
N LEU D 177 -26.64 39.04 18.18
CA LEU D 177 -26.35 40.23 17.39
C LEU D 177 -25.34 39.93 16.29
N TRP D 178 -24.27 39.19 16.63
CA TRP D 178 -23.24 38.88 15.64
C TRP D 178 -23.79 38.02 14.51
N MET D 179 -24.70 37.10 14.83
CA MET D 179 -25.28 36.24 13.81
C MET D 179 -26.21 37.04 12.89
N THR D 180 -26.99 37.96 13.47
CA THR D 180 -27.88 38.77 12.64
C THR D 180 -27.11 39.72 11.75
N GLU D 181 -26.01 40.29 12.26
CA GLU D 181 -25.21 41.21 11.45
C GLU D 181 -24.49 40.47 10.33
N TYR D 182 -23.97 39.28 10.60
CA TYR D 182 -23.29 38.51 9.57
C TYR D 182 -24.25 38.05 8.48
N LEU D 183 -25.49 37.72 8.86
CA LEU D 183 -26.48 37.32 7.86
C LEU D 183 -26.88 38.49 6.98
N ASN D 184 -27.12 39.66 7.57
CA ASN D 184 -27.60 40.80 6.79
C ASN D 184 -26.50 41.40 5.93
N ARG D 185 -25.23 41.27 6.34
CA ARG D 185 -24.13 41.92 5.63
C ARG D 185 -23.45 40.98 4.64
N HIS D 186 -22.97 39.83 5.12
CA HIS D 186 -22.15 38.94 4.31
C HIS D 186 -22.90 37.75 3.72
N LEU D 187 -24.10 37.44 4.23
CA LEU D 187 -24.87 36.31 3.71
C LEU D 187 -26.17 36.70 3.03
N HIS D 188 -26.67 37.92 3.23
CA HIS D 188 -27.90 38.33 2.58
C HIS D 188 -27.75 38.35 1.06
N THR D 189 -26.53 38.60 0.57
CA THR D 189 -26.31 38.66 -0.87
C THR D 189 -26.49 37.28 -1.52
N TRP D 190 -25.95 36.24 -0.88
CA TRP D 190 -26.01 34.91 -1.47
C TRP D 190 -27.38 34.27 -1.33
N ILE D 191 -28.05 34.49 -0.20
CA ILE D 191 -29.35 33.87 0.04
C ILE D 191 -30.37 34.37 -0.96
N GLN D 192 -30.30 35.66 -1.32
CA GLN D 192 -31.24 36.20 -2.30
C GLN D 192 -31.00 35.60 -3.68
N ASP D 193 -29.75 35.43 -4.08
CA ASP D 193 -29.42 34.91 -5.40
C ASP D 193 -29.48 33.40 -5.43
N ASN D 194 -30.29 32.79 -4.55
CA ASN D 194 -30.45 31.34 -4.53
C ASN D 194 -31.88 30.92 -4.19
N GLY D 195 -32.86 31.79 -4.44
CA GLY D 195 -34.25 31.48 -4.16
C GLY D 195 -34.73 31.86 -2.76
N GLY D 196 -33.84 32.30 -1.89
CA GLY D 196 -34.24 32.67 -0.54
C GLY D 196 -34.43 31.46 0.35
N TRP D 197 -35.15 31.70 1.46
CA TRP D 197 -35.39 30.62 2.41
C TRP D 197 -36.40 29.60 1.88
N ASP D 198 -37.31 30.04 1.01
CA ASP D 198 -38.28 29.12 0.41
C ASP D 198 -37.61 28.05 -0.45
N ALA D 199 -36.41 28.33 -0.98
CA ALA D 199 -35.67 27.30 -1.69
C ALA D 199 -34.93 26.38 -0.74
N PHE D 200 -34.51 26.90 0.42
CA PHE D 200 -33.84 26.06 1.41
C PHE D 200 -34.79 25.01 1.98
N VAL D 201 -36.03 25.40 2.29
CA VAL D 201 -36.99 24.45 2.83
C VAL D 201 -37.42 23.43 1.79
N GLU D 202 -37.30 23.76 0.50
CA GLU D 202 -37.64 22.80 -0.54
C GLU D 202 -36.55 21.75 -0.73
N LEU D 203 -35.30 22.10 -0.41
CA LEU D 203 -34.22 21.13 -0.51
C LEU D 203 -34.26 20.11 0.61
N TYR D 204 -34.83 20.46 1.76
CA TYR D 204 -34.87 19.58 2.91
C TYR D 204 -36.20 18.82 3.04
N GLY D 205 -37.32 19.50 2.83
CA GLY D 205 -38.63 18.88 2.96
C GLY D 205 -38.88 17.76 1.96
#